data_5MM6
#
_entry.id   5MM6
#
_cell.length_a   70.344
_cell.length_b   71.649
_cell.length_c   72.538
_cell.angle_alpha   90.00
_cell.angle_beta   100.48
_cell.angle_gamma   90.00
#
_symmetry.space_group_name_H-M   'C 1 2 1'
#
loop_
_entity.id
_entity.type
_entity.pdbx_description
1 polymer 'Thrombin light chain'
2 polymer 'thrombin heavy chain'
3 polymer 'Hirudin variant-2'
4 non-polymer GLYCEROL
5 non-polymer 'DIMETHYL SULFOXIDE'
6 non-polymer 'PHOSPHATE ION'
7 non-polymer 'SODIUM ION'
8 non-polymer D-phenylalanyl-N-{4-[amino(iminio)methyl]benzyl}-L-prolinamide
9 water water
#
loop_
_entity_poly.entity_id
_entity_poly.type
_entity_poly.pdbx_seq_one_letter_code
_entity_poly.pdbx_strand_id
1 'polypeptide(L)' TFGSGEADCGLRPLFEKKSLEDKTERELLESYIDGR L
2 'polypeptide(L)'
;IVEGSDAEIGMSPWQVMLFRKSPQELLCGASLISDRWVLTAAHCLLYPPWDKNFTENDLLVRIGKHSRTRYERNIEKISM
LEKIYIHPRYNWRENLDRDIALMKLKKPVAFSDYIHPVCLPDRETAASLLQAGYKGRVTGWGNLKETWTANVGKGQPSVL
QVVNLPIVERPVCKDSTRIRITDNMFCAGYKPDEGKRGDSCEGDSGGPFVMKSPFNNRWYQMGIVSWGEGCDRDGKYGFY
THVFRLKKWIQKVIDQFGE
;
H
3 'polypeptide(L)' GDFEEIPEE(TYS)LQ I
#
loop_
_chem_comp.id
_chem_comp.type
_chem_comp.name
_chem_comp.formula
32U peptide-like D-phenylalanyl-N-{4-[amino(iminio)methyl]benzyl}-L-prolinamide 'C22 H28 N5 O2 1'
DMS non-polymer 'DIMETHYL SULFOXIDE' 'C2 H6 O S'
GOL non-polymer GLYCEROL 'C3 H8 O3'
NA non-polymer 'SODIUM ION' 'Na 1'
PO4 non-polymer 'PHOSPHATE ION' 'O4 P -3'
#
# COMPACT_ATOMS: atom_id res chain seq x y z
N GLU A 6 -15.81 -3.70 4.79
CA GLU A 6 -16.92 -4.54 4.35
C GLU A 6 -16.93 -5.88 5.10
N ALA A 7 -18.10 -6.53 5.13
CA ALA A 7 -18.24 -7.79 5.84
C ALA A 7 -17.26 -8.84 5.32
N ASP A 8 -16.92 -8.79 4.04
CA ASP A 8 -16.08 -9.79 3.40
C ASP A 8 -14.65 -9.31 3.25
N CYS A 9 -14.30 -8.21 3.89
CA CYS A 9 -12.99 -7.61 3.65
C CYS A 9 -11.89 -8.57 4.05
N GLY A 10 -10.77 -8.46 3.34
CA GLY A 10 -9.58 -9.16 3.75
C GLY A 10 -9.55 -10.65 3.49
N LEU A 11 -10.54 -11.18 2.79
CA LEU A 11 -10.61 -12.59 2.43
C LEU A 11 -10.46 -12.68 0.92
N ARG A 12 -9.32 -13.18 0.45
CA ARG A 12 -9.02 -13.12 -0.98
C ARG A 12 -9.76 -14.22 -1.73
N PRO A 13 -10.41 -13.87 -2.86
CA PRO A 13 -11.12 -14.90 -3.64
C PRO A 13 -10.27 -16.09 -4.04
N LEU A 14 -9.00 -15.89 -4.38
CA LEU A 14 -8.19 -16.99 -4.87
C LEU A 14 -7.40 -17.69 -3.78
N PHE A 15 -7.55 -17.26 -2.53
CA PHE A 15 -6.80 -17.84 -1.42
C PHE A 15 -7.76 -18.18 -0.29
N GLU A 16 -8.02 -17.27 0.64
CA GLU A 16 -8.86 -17.62 1.78
C GLU A 16 -10.21 -18.17 1.38
N LYS A 17 -10.84 -17.60 0.36
CA LYS A 17 -12.19 -18.06 0.01
C LYS A 17 -12.21 -19.48 -0.52
N LYS A 18 -11.07 -19.99 -1.00
N LYS A 18 -11.09 -20.00 -1.03
CA LYS A 18 -10.90 -21.34 -1.51
CA LYS A 18 -11.04 -21.39 -1.45
C LYS A 18 -10.13 -22.25 -0.56
C LYS A 18 -10.04 -22.20 -0.62
N SER A 19 -9.74 -21.73 0.60
CA SER A 19 -8.84 -22.43 1.52
C SER A 19 -7.52 -22.82 0.86
N LEU A 20 -6.94 -21.89 0.09
CA LEU A 20 -5.60 -22.07 -0.47
C LEU A 20 -4.68 -21.04 0.15
N GLU A 21 -3.46 -21.45 0.43
CA GLU A 21 -2.45 -20.57 1.00
C GLU A 21 -1.49 -20.06 -0.07
N ASP A 22 -1.08 -18.81 0.06
CA ASP A 22 -0.05 -18.31 -0.82
C ASP A 22 1.33 -18.81 -0.35
N LYS A 23 2.34 -18.60 -1.17
CA LYS A 23 3.63 -19.25 -0.95
C LYS A 23 4.41 -18.72 0.24
N THR A 24 4.10 -17.53 0.76
CA THR A 24 4.90 -17.00 1.87
C THR A 24 4.09 -16.53 3.07
N GLU A 25 2.77 -16.70 3.08
CA GLU A 25 2.00 -16.23 4.22
C GLU A 25 2.37 -16.96 5.51
N ARG A 26 2.87 -18.18 5.40
CA ARG A 26 3.30 -18.89 6.60
C ARG A 26 4.44 -18.17 7.31
N GLU A 27 5.30 -17.48 6.56
CA GLU A 27 6.36 -16.69 7.19
C GLU A 27 5.79 -15.64 8.13
N LEU A 28 4.68 -15.02 7.73
CA LEU A 28 4.03 -14.06 8.59
C LEU A 28 3.52 -14.75 9.84
N LEU A 29 2.80 -15.86 9.68
CA LEU A 29 2.21 -16.52 10.82
C LEU A 29 3.29 -16.94 11.82
N GLU A 30 4.40 -17.46 11.33
CA GLU A 30 5.46 -17.93 12.21
C GLU A 30 6.07 -16.80 13.02
N SER A 31 5.94 -15.55 12.56
CA SER A 31 6.46 -14.42 13.32
C SER A 31 5.52 -13.95 14.42
N TYR A 32 4.27 -14.41 14.45
CA TYR A 32 3.26 -13.88 15.39
C TYR A 32 3.30 -14.74 16.64
N ILE A 33 4.24 -14.39 17.52
CA ILE A 33 4.63 -15.21 18.66
C ILE A 33 4.55 -14.42 19.95
N ILE B 1 9.89 -2.21 -4.99
CA ILE B 1 10.22 -3.17 -3.94
C ILE B 1 11.59 -3.74 -4.23
N VAL B 2 12.47 -3.69 -3.24
CA VAL B 2 13.84 -4.18 -3.36
C VAL B 2 13.93 -5.53 -2.69
N GLU B 3 14.51 -6.51 -3.38
CA GLU B 3 14.73 -7.85 -2.85
C GLU B 3 13.44 -8.57 -2.49
N GLY B 4 12.38 -8.30 -3.25
CA GLY B 4 11.15 -9.05 -3.16
C GLY B 4 11.05 -10.07 -4.27
N SER B 5 9.83 -10.54 -4.49
N SER B 5 9.83 -10.55 -4.48
CA SER B 5 9.57 -11.51 -5.54
CA SER B 5 9.54 -11.55 -5.50
C SER B 5 8.28 -11.14 -6.26
C SER B 5 8.27 -11.16 -6.25
N ASP B 6 8.04 -11.81 -7.38
CA ASP B 6 6.79 -11.60 -8.11
C ASP B 6 5.61 -12.06 -7.27
N ALA B 7 4.58 -11.23 -7.22
CA ALA B 7 3.34 -11.64 -6.60
C ALA B 7 2.68 -12.79 -7.36
N GLU B 8 1.95 -13.62 -6.62
CA GLU B 8 1.04 -14.57 -7.24
C GLU B 8 -0.22 -13.86 -7.73
N ILE B 9 -0.88 -14.48 -8.72
CA ILE B 9 -2.14 -13.93 -9.21
C ILE B 9 -3.15 -13.87 -8.07
N GLY B 10 -3.76 -12.71 -7.90
CA GLY B 10 -4.77 -12.51 -6.87
C GLY B 10 -4.24 -12.46 -5.46
N MET B 11 -2.93 -12.33 -5.29
CA MET B 11 -2.35 -12.34 -3.95
C MET B 11 -2.65 -11.07 -3.18
N SER B 12 -2.86 -9.97 -3.89
N SER B 12 -2.80 -9.95 -3.87
CA SER B 12 -3.05 -8.65 -3.26
CA SER B 12 -3.06 -8.65 -3.24
C SER B 12 -4.17 -7.95 -4.01
C SER B 12 -4.18 -7.97 -4.02
N PRO B 13 -5.41 -8.47 -3.89
CA PRO B 13 -6.49 -7.98 -4.77
C PRO B 13 -6.99 -6.59 -4.40
N TRP B 14 -6.50 -6.04 -3.30
CA TRP B 14 -6.74 -4.67 -2.87
C TRP B 14 -5.70 -3.71 -3.43
N GLN B 15 -4.67 -4.21 -4.12
N GLN B 15 -4.66 -4.18 -4.11
CA GLN B 15 -3.67 -3.33 -4.69
CA GLN B 15 -3.62 -3.27 -4.58
C GLN B 15 -4.31 -2.38 -5.68
C GLN B 15 -4.16 -2.41 -5.72
N VAL B 16 -3.92 -1.11 -5.62
CA VAL B 16 -4.37 -0.14 -6.61
C VAL B 16 -3.15 0.58 -7.18
N MET B 17 -3.19 0.87 -8.47
CA MET B 17 -2.20 1.73 -9.12
C MET B 17 -2.82 3.10 -9.35
N LEU B 18 -2.18 4.13 -8.82
CA LEU B 18 -2.53 5.49 -9.19
C LEU B 18 -1.78 5.86 -10.46
N PHE B 19 -2.53 6.31 -11.47
CA PHE B 19 -2.01 6.46 -12.81
C PHE B 19 -2.26 7.87 -13.31
N ARG B 20 -1.22 8.52 -13.80
CA ARG B 20 -1.35 9.86 -14.35
C ARG B 20 -1.93 9.77 -15.75
N LYS B 21 -2.90 10.65 -16.05
CA LYS B 21 -3.55 10.64 -17.37
C LYS B 21 -2.61 11.14 -18.45
N SER B 22 -1.88 12.21 -18.19
CA SER B 22 -1.08 12.85 -19.23
C SER B 22 0.14 13.51 -18.60
N PRO B 23 1.35 12.98 -18.86
CA PRO B 23 1.66 11.78 -19.63
C PRO B 23 1.23 10.53 -18.86
N GLN B 24 0.98 9.44 -19.58
CA GLN B 24 0.50 8.21 -18.97
C GLN B 24 1.65 7.53 -18.23
N GLU B 25 1.57 7.48 -16.91
CA GLU B 25 2.66 6.91 -16.12
C GLU B 25 2.14 6.54 -14.73
N LEU B 26 2.85 5.61 -14.10
CA LEU B 26 2.55 5.26 -12.72
C LEU B 26 2.92 6.42 -11.81
N LEU B 27 2.03 6.74 -10.89
CA LEU B 27 2.30 7.75 -9.88
C LEU B 27 2.58 7.18 -8.52
N CYS B 28 1.85 6.16 -8.10
N CYS B 28 1.96 6.07 -8.17
CA CYS B 28 1.90 5.69 -6.72
CA CYS B 28 2.22 5.43 -6.91
C CYS B 28 1.09 4.41 -6.63
C CYS B 28 1.28 4.26 -6.74
N GLY B 29 1.29 3.69 -5.53
CA GLY B 29 0.37 2.65 -5.14
C GLY B 29 -0.72 3.21 -4.25
N ALA B 30 -1.65 2.34 -3.90
CA ALA B 30 -2.85 2.67 -3.14
C ALA B 30 -3.52 1.36 -2.79
N SER B 31 -4.60 1.43 -2.02
CA SER B 31 -5.33 0.22 -1.65
C SER B 31 -6.83 0.45 -1.69
N LEU B 32 -7.55 -0.63 -2.01
CA LEU B 32 -8.99 -0.62 -2.05
C LEU B 32 -9.55 -0.99 -0.68
N ILE B 33 -10.37 -0.11 -0.10
CA ILE B 33 -10.95 -0.37 1.21
C ILE B 33 -12.46 -0.53 1.19
N SER B 34 -13.10 -0.29 0.05
CA SER B 34 -14.52 -0.58 -0.16
C SER B 34 -14.76 -0.47 -1.65
N ASP B 35 -16.03 -0.60 -2.07
CA ASP B 35 -16.30 -0.49 -3.50
C ASP B 35 -16.14 0.93 -4.03
N ARG B 36 -15.97 1.95 -3.19
CA ARG B 36 -15.92 3.33 -3.65
C ARG B 36 -14.76 4.13 -3.06
N TRP B 37 -13.94 3.54 -2.20
CA TRP B 37 -12.92 4.29 -1.49
C TRP B 37 -11.56 3.63 -1.63
N VAL B 38 -10.57 4.44 -1.94
CA VAL B 38 -9.18 4.04 -2.08
C VAL B 38 -8.34 4.86 -1.10
N LEU B 39 -7.39 4.19 -0.44
CA LEU B 39 -6.50 4.79 0.54
C LEU B 39 -5.09 4.89 -0.05
N THR B 40 -4.42 6.02 0.20
CA THR B 40 -3.07 6.23 -0.31
C THR B 40 -2.31 7.13 0.65
N ALA B 41 -1.08 7.45 0.27
CA ALA B 41 -0.26 8.42 1.00
C ALA B 41 -0.56 9.82 0.47
N ALA B 42 -0.65 10.77 1.40
CA ALA B 42 -0.86 12.17 0.99
C ALA B 42 0.25 12.67 0.06
N HIS B 43 1.51 12.25 0.29
CA HIS B 43 2.61 12.77 -0.51
C HIS B 43 2.53 12.32 -1.97
N CYS B 44 1.71 11.32 -2.26
CA CYS B 44 1.47 10.93 -3.64
C CYS B 44 0.69 11.98 -4.40
N LEU B 45 -0.05 12.82 -3.69
CA LEU B 45 -0.95 13.79 -4.27
C LEU B 45 -0.51 15.22 -4.03
N LEU B 46 0.12 15.49 -2.88
CA LEU B 46 0.46 16.85 -2.48
C LEU B 46 1.83 16.84 -1.85
N TYR B 47 2.79 17.49 -2.51
CA TYR B 47 4.14 17.64 -1.95
C TYR B 47 4.75 18.92 -2.53
N PRO B 48 4.48 20.06 -1.92
CA PRO B 48 4.91 21.36 -2.48
C PRO B 48 6.41 21.48 -2.70
N PRO B 49 7.28 20.86 -1.89
CA PRO B 49 8.72 21.00 -2.18
C PRO B 49 9.10 20.53 -3.57
N TRP B 50 8.33 19.60 -4.16
CA TRP B 50 8.58 19.08 -5.50
C TRP B 50 7.53 19.57 -6.50
N ASP B 51 6.81 20.62 -6.15
CA ASP B 51 5.80 21.20 -7.04
C ASP B 51 4.70 20.19 -7.39
N LYS B 52 4.36 19.31 -6.45
CA LYS B 52 3.37 18.28 -6.70
C LYS B 52 2.04 18.68 -6.08
N ASN B 53 1.01 18.79 -6.90
CA ASN B 53 -0.33 19.10 -6.42
C ASN B 53 -1.35 18.57 -7.41
N PHE B 54 -1.64 17.27 -7.33
CA PHE B 54 -2.54 16.66 -8.31
C PHE B 54 -3.99 16.89 -7.90
N THR B 55 -4.83 17.13 -8.90
CA THR B 55 -6.27 17.26 -8.73
C THR B 55 -6.95 16.00 -9.26
N GLU B 56 -8.25 15.90 -8.98
CA GLU B 56 -9.01 14.69 -9.33
C GLU B 56 -8.91 14.36 -10.81
N ASN B 57 -9.00 15.37 -11.68
CA ASN B 57 -9.06 15.11 -13.11
C ASN B 57 -7.71 14.76 -13.71
N ASP B 58 -6.63 14.85 -12.93
CA ASP B 58 -5.31 14.50 -13.41
C ASP B 58 -5.05 13.01 -13.40
N LEU B 59 -5.89 12.23 -12.71
CA LEU B 59 -5.52 10.91 -12.25
C LEU B 59 -6.58 9.89 -12.57
N LEU B 60 -6.15 8.63 -12.62
CA LEU B 60 -7.04 7.48 -12.66
C LEU B 60 -6.54 6.47 -11.66
N VAL B 61 -7.44 5.58 -11.24
CA VAL B 61 -7.04 4.42 -10.45
C VAL B 61 -7.25 3.16 -11.28
N ARG B 62 -6.27 2.27 -11.22
CA ARG B 62 -6.32 1.00 -11.94
C ARG B 62 -6.29 -0.11 -10.91
N ILE B 63 -7.31 -0.98 -10.92
CA ILE B 63 -7.55 -1.96 -9.88
C ILE B 63 -7.57 -3.34 -10.52
N GLY B 64 -7.06 -4.34 -9.81
CA GLY B 64 -7.00 -5.69 -10.33
C GLY B 64 -5.76 -6.00 -11.15
N LYS B 65 -4.74 -5.17 -11.08
CA LYS B 65 -3.59 -5.33 -11.95
C LYS B 65 -2.56 -6.30 -11.40
N HIS B 66 -1.77 -6.84 -12.33
CA HIS B 66 -0.60 -7.64 -12.02
C HIS B 66 0.59 -7.08 -12.79
N SER B 67 0.51 -7.08 -14.11
CA SER B 67 1.54 -6.44 -14.92
C SER B 67 1.63 -4.95 -14.62
N ARG B 68 2.86 -4.43 -14.57
CA ARG B 68 3.06 -3.00 -14.37
C ARG B 68 2.57 -2.21 -15.58
N THR B 69 2.98 -2.58 -16.78
CA THR B 69 2.81 -1.71 -17.93
C THR B 69 1.71 -2.11 -18.89
N ARG B 70 1.24 -3.35 -18.84
N ARG B 70 1.25 -3.36 -18.83
CA ARG B 70 0.29 -3.80 -19.85
CA ARG B 70 0.25 -3.84 -19.79
C ARG B 70 -1.13 -3.43 -19.43
C ARG B 70 -1.13 -3.32 -19.42
N TYR B 71 -1.98 -3.14 -20.43
CA TYR B 71 -3.40 -2.96 -20.20
C TYR B 71 -4.01 -4.35 -20.09
N GLU B 72 -4.48 -4.71 -18.90
CA GLU B 72 -4.86 -6.10 -18.62
C GLU B 72 -6.34 -6.27 -18.90
N ARG B 73 -6.61 -6.41 -20.19
CA ARG B 73 -7.96 -6.47 -20.72
C ARG B 73 -8.74 -7.60 -20.06
N ASN B 74 -9.98 -7.30 -19.68
CA ASN B 74 -10.93 -8.23 -19.05
C ASN B 74 -10.56 -8.56 -17.62
N ILE B 75 -9.58 -7.89 -17.03
CA ILE B 75 -9.13 -8.19 -15.67
C ILE B 75 -9.10 -6.91 -14.86
N GLU B 76 -8.29 -5.94 -15.29
CA GLU B 76 -8.23 -4.71 -14.53
C GLU B 76 -9.45 -3.84 -14.79
N LYS B 77 -9.73 -2.97 -13.84
CA LYS B 77 -10.77 -1.97 -13.96
C LYS B 77 -10.16 -0.60 -13.70
N ILE B 78 -10.54 0.36 -14.52
CA ILE B 78 -10.03 1.71 -14.45
C ILE B 78 -11.16 2.64 -14.02
N SER B 79 -10.91 3.40 -12.95
CA SER B 79 -11.91 4.26 -12.34
C SER B 79 -11.43 5.71 -12.30
N MET B 80 -12.39 6.61 -12.45
CA MET B 80 -12.17 8.04 -12.29
C MET B 80 -12.40 8.44 -10.83
N LEU B 81 -11.82 9.58 -10.45
CA LEU B 81 -11.93 10.07 -9.08
C LEU B 81 -13.01 11.13 -8.99
N GLU B 82 -13.88 10.98 -7.99
CA GLU B 82 -14.85 12.03 -7.63
C GLU B 82 -14.19 13.10 -6.76
N LYS B 83 -13.43 12.69 -5.73
CA LYS B 83 -12.89 13.67 -4.79
C LYS B 83 -11.69 13.08 -4.05
N ILE B 84 -10.70 13.92 -3.82
CA ILE B 84 -9.52 13.64 -2.99
C ILE B 84 -9.70 14.31 -1.64
N TYR B 85 -9.34 13.59 -0.56
CA TYR B 85 -9.34 14.13 0.80
C TYR B 85 -7.98 13.86 1.40
N ILE B 86 -7.27 14.93 1.76
CA ILE B 86 -5.98 14.82 2.41
C ILE B 86 -6.14 15.12 3.89
N HIS B 87 -5.43 14.39 4.73
CA HIS B 87 -5.52 14.67 6.15
C HIS B 87 -5.25 16.15 6.42
N PRO B 88 -6.08 16.83 7.21
CA PRO B 88 -5.89 18.27 7.42
C PRO B 88 -4.62 18.63 8.17
N ARG B 89 -4.01 17.69 8.87
CA ARG B 89 -2.76 17.92 9.58
C ARG B 89 -1.59 17.16 8.96
N TYR B 90 -1.72 16.75 7.69
CA TYR B 90 -0.58 16.19 6.96
C TYR B 90 0.57 17.20 6.96
N ASN B 91 1.73 16.76 7.45
CA ASN B 91 2.88 17.66 7.63
C ASN B 91 3.88 17.43 6.49
N TRP B 92 3.62 18.09 5.36
CA TRP B 92 4.55 18.03 4.24
C TRP B 92 5.75 18.93 4.45
N ARG B 93 5.69 19.85 5.41
CA ARG B 93 6.80 20.78 5.62
C ARG B 93 7.99 20.13 6.27
N GLU B 94 7.76 19.16 7.16
CA GLU B 94 8.82 18.62 8.00
C GLU B 94 9.08 17.14 7.75
N ASN B 95 8.19 16.25 8.21
CA ASN B 95 8.52 14.83 8.34
C ASN B 95 7.46 13.90 7.80
N LEU B 96 6.50 14.41 7.02
CA LEU B 96 5.42 13.59 6.46
C LEU B 96 4.53 13.00 7.56
N ASP B 97 4.44 13.66 8.70
CA ASP B 97 3.52 13.21 9.73
C ASP B 97 2.10 13.18 9.15
N ARG B 98 1.36 12.12 9.45
CA ARG B 98 -0.03 11.96 9.01
C ARG B 98 -0.13 11.90 7.49
N ASP B 99 0.72 11.06 6.90
CA ASP B 99 0.84 10.91 5.45
C ASP B 99 -0.26 9.98 4.96
N ILE B 100 -1.47 10.52 4.80
CA ILE B 100 -2.64 9.70 4.46
C ILE B 100 -3.63 10.54 3.67
N ALA B 101 -4.25 9.89 2.69
CA ALA B 101 -5.27 10.51 1.87
C ALA B 101 -6.27 9.44 1.43
N LEU B 102 -7.49 9.89 1.18
CA LEU B 102 -8.54 9.05 0.65
C LEU B 102 -9.02 9.59 -0.69
N MET B 103 -9.39 8.68 -1.58
CA MET B 103 -9.96 9.03 -2.87
C MET B 103 -11.30 8.32 -3.00
N LYS B 104 -12.34 9.10 -3.30
CA LYS B 104 -13.64 8.54 -3.60
C LYS B 104 -13.79 8.35 -5.10
N LEU B 105 -14.21 7.17 -5.51
CA LEU B 105 -14.36 6.88 -6.93
C LEU B 105 -15.68 7.42 -7.45
N LYS B 106 -15.71 7.73 -8.74
CA LYS B 106 -16.93 8.28 -9.33
C LYS B 106 -18.06 7.26 -9.33
N LYS B 107 -17.73 5.99 -9.50
CA LYS B 107 -18.71 4.91 -9.53
C LYS B 107 -18.12 3.73 -8.77
N PRO B 108 -18.95 2.92 -8.13
CA PRO B 108 -18.41 1.75 -7.42
C PRO B 108 -17.80 0.75 -8.39
N VAL B 109 -16.76 0.07 -7.92
CA VAL B 109 -16.10 -0.96 -8.71
C VAL B 109 -16.68 -2.32 -8.36
N ALA B 110 -16.84 -3.16 -9.36
CA ALA B 110 -17.31 -4.52 -9.14
C ALA B 110 -16.15 -5.38 -8.65
N PHE B 111 -16.39 -6.13 -7.58
CA PHE B 111 -15.38 -7.03 -7.08
C PHE B 111 -15.30 -8.24 -8.01
N SER B 112 -14.16 -8.93 -7.97
CA SER B 112 -13.90 -10.08 -8.82
C SER B 112 -12.83 -10.93 -8.15
N ASP B 113 -12.33 -11.95 -8.85
CA ASP B 113 -11.22 -12.73 -8.29
C ASP B 113 -9.98 -11.89 -8.06
N TYR B 114 -9.86 -10.78 -8.77
CA TYR B 114 -8.67 -9.94 -8.80
C TYR B 114 -8.84 -8.63 -8.07
N ILE B 115 -10.07 -8.33 -7.62
CA ILE B 115 -10.44 -7.02 -7.08
C ILE B 115 -11.25 -7.27 -5.81
N HIS B 116 -10.70 -6.91 -4.64
CA HIS B 116 -11.36 -7.20 -3.39
C HIS B 116 -10.76 -6.30 -2.32
N PRO B 117 -11.56 -5.76 -1.40
CA PRO B 117 -11.02 -4.81 -0.42
C PRO B 117 -10.29 -5.48 0.74
N VAL B 118 -9.35 -4.73 1.30
CA VAL B 118 -8.63 -5.10 2.51
C VAL B 118 -9.39 -4.55 3.71
N CYS B 119 -9.20 -5.16 4.89
CA CYS B 119 -9.79 -4.64 6.11
C CYS B 119 -8.92 -3.57 6.72
N LEU B 120 -9.55 -2.64 7.43
CA LEU B 120 -8.82 -1.70 8.27
C LEU B 120 -8.83 -2.22 9.70
N PRO B 121 -7.74 -2.06 10.46
CA PRO B 121 -7.70 -2.68 11.78
C PRO B 121 -8.57 -1.98 12.79
N ASP B 122 -9.12 -2.78 13.71
CA ASP B 122 -9.68 -2.32 14.97
C ASP B 122 -8.56 -2.17 15.99
N ARG B 123 -8.90 -1.55 17.13
CA ARG B 123 -7.89 -1.28 18.15
C ARG B 123 -7.20 -2.55 18.61
N GLU B 124 -7.96 -3.64 18.79
CA GLU B 124 -7.40 -4.85 19.37
C GLU B 124 -6.51 -5.57 18.37
N THR B 125 -6.91 -5.63 17.10
CA THR B 125 -6.04 -6.23 16.10
C THR B 125 -4.75 -5.44 15.98
N ALA B 126 -4.83 -4.10 16.01
CA ALA B 126 -3.61 -3.29 15.93
C ALA B 126 -2.70 -3.54 17.13
N ALA B 127 -3.28 -3.57 18.34
CA ALA B 127 -2.46 -3.79 19.53
C ALA B 127 -1.80 -5.16 19.50
N SER B 128 -2.53 -6.17 19.01
N SER B 128 -2.53 -6.17 19.01
CA SER B 128 -2.00 -7.52 19.01
CA SER B 128 -2.01 -7.53 19.00
C SER B 128 -0.89 -7.70 17.97
C SER B 128 -0.89 -7.71 17.97
N LEU B 129 -1.02 -7.10 16.80
CA LEU B 129 -0.11 -7.39 15.71
C LEU B 129 1.01 -6.38 15.51
N LEU B 130 0.85 -5.13 15.95
CA LEU B 130 1.91 -4.13 15.74
C LEU B 130 2.95 -4.23 16.83
N GLN B 131 3.73 -5.30 16.75
CA GLN B 131 4.74 -5.63 17.74
C GLN B 131 6.06 -5.88 17.01
N ALA B 132 7.17 -5.44 17.64
CA ALA B 132 8.47 -5.67 17.04
C ALA B 132 8.70 -7.14 16.74
N GLY B 133 9.21 -7.43 15.55
CA GLY B 133 9.47 -8.77 15.11
C GLY B 133 8.36 -9.39 14.30
N TYR B 134 7.13 -8.92 14.50
CA TYR B 134 6.02 -9.47 13.72
C TYR B 134 6.12 -8.94 12.30
N LYS B 135 5.86 -9.80 11.33
CA LYS B 135 6.07 -9.46 9.93
C LYS B 135 4.79 -9.06 9.25
N GLY B 136 4.91 -8.04 8.39
CA GLY B 136 3.88 -7.69 7.44
C GLY B 136 4.41 -7.83 6.03
N ARG B 137 3.56 -7.44 5.10
CA ARG B 137 3.82 -7.64 3.69
C ARG B 137 3.58 -6.33 2.96
N VAL B 138 4.52 -5.95 2.13
N VAL B 138 4.50 -5.95 2.10
CA VAL B 138 4.40 -4.76 1.29
CA VAL B 138 4.36 -4.73 1.31
C VAL B 138 4.42 -5.18 -0.17
C VAL B 138 4.49 -5.09 -0.16
N THR B 139 3.64 -4.46 -0.98
CA THR B 139 3.52 -4.77 -2.40
C THR B 139 3.60 -3.49 -3.21
N GLY B 140 4.09 -3.61 -4.44
CA GLY B 140 4.07 -2.47 -5.32
C GLY B 140 4.84 -2.71 -6.60
N TRP B 141 4.76 -1.69 -7.46
CA TRP B 141 5.41 -1.69 -8.76
C TRP B 141 6.56 -0.69 -8.82
N GLY B 142 7.07 -0.29 -7.66
CA GLY B 142 8.14 0.69 -7.60
C GLY B 142 9.50 0.09 -7.93
N ASN B 143 10.50 0.93 -7.78
CA ASN B 143 11.86 0.60 -8.18
C ASN B 143 12.36 -0.68 -7.50
N LEU B 144 13.13 -1.45 -8.25
CA LEU B 144 13.76 -2.66 -7.76
C LEU B 144 15.07 -2.39 -7.05
N LYS B 145 15.61 -1.18 -7.20
CA LYS B 145 16.88 -0.80 -6.60
C LYS B 145 16.83 0.69 -6.35
N GLU B 146 17.62 1.13 -5.38
CA GLU B 146 17.69 2.56 -5.09
C GLU B 146 18.10 3.34 -6.33
N THR B 147 19.13 2.87 -7.04
CA THR B 147 19.63 3.58 -8.21
C THR B 147 20.21 2.63 -9.24
N GLY B 155 15.64 -2.05 -13.26
CA GLY B 155 15.10 -0.83 -12.68
C GLY B 155 13.69 -0.96 -12.15
N GLN B 156 12.74 -1.25 -13.05
CA GLN B 156 11.34 -1.36 -12.70
C GLN B 156 10.81 -2.74 -13.06
N PRO B 157 9.87 -3.26 -12.30
CA PRO B 157 9.46 -4.66 -12.49
C PRO B 157 8.44 -4.86 -13.60
N SER B 158 8.43 -6.08 -14.12
CA SER B 158 7.40 -6.46 -15.10
CA SER B 158 7.40 -6.44 -15.10
C SER B 158 6.06 -6.65 -14.43
N VAL B 159 6.04 -7.21 -13.21
CA VAL B 159 4.79 -7.49 -12.50
C VAL B 159 4.92 -7.04 -11.05
N LEU B 160 3.77 -6.96 -10.39
CA LEU B 160 3.69 -6.58 -8.99
C LEU B 160 4.68 -7.39 -8.15
N GLN B 161 5.40 -6.69 -7.26
CA GLN B 161 6.38 -7.30 -6.36
C GLN B 161 5.86 -7.32 -4.94
N VAL B 162 6.36 -8.30 -4.18
CA VAL B 162 5.94 -8.50 -2.78
C VAL B 162 7.18 -8.78 -1.94
N VAL B 163 7.18 -8.25 -0.71
CA VAL B 163 8.23 -8.57 0.26
C VAL B 163 7.61 -8.59 1.65
N ASN B 164 8.04 -9.56 2.47
CA ASN B 164 7.62 -9.64 3.86
C ASN B 164 8.73 -9.05 4.73
N LEU B 165 8.35 -8.19 5.68
CA LEU B 165 9.31 -7.44 6.49
C LEU B 165 8.87 -7.37 7.95
N PRO B 166 9.80 -7.49 8.90
CA PRO B 166 9.44 -7.38 10.32
C PRO B 166 9.32 -5.94 10.79
N ILE B 167 8.33 -5.70 11.65
CA ILE B 167 8.25 -4.43 12.36
C ILE B 167 9.46 -4.29 13.29
N VAL B 168 9.97 -3.08 13.40
CA VAL B 168 11.18 -2.81 14.18
C VAL B 168 10.84 -2.02 15.45
N GLU B 169 11.58 -2.31 16.52
CA GLU B 169 11.43 -1.62 17.79
C GLU B 169 11.57 -0.12 17.59
N ARG B 170 10.72 0.66 18.26
CA ARG B 170 10.73 2.10 18.05
C ARG B 170 12.07 2.75 18.34
N PRO B 171 12.83 2.37 19.38
CA PRO B 171 14.13 3.04 19.59
C PRO B 171 15.10 2.78 18.46
N VAL B 172 15.06 1.61 17.83
CA VAL B 172 15.91 1.33 16.68
C VAL B 172 15.49 2.20 15.50
N CYS B 173 14.19 2.33 15.27
CA CYS B 173 13.72 3.22 14.21
C CYS B 173 14.26 4.63 14.44
N LYS B 174 14.09 5.14 15.65
CA LYS B 174 14.49 6.52 15.96
C LYS B 174 16.00 6.72 15.77
N ASP B 175 16.79 5.73 16.17
CA ASP B 175 18.24 5.81 16.15
C ASP B 175 18.82 5.61 14.75
N SER B 176 17.99 5.32 13.76
CA SER B 176 18.42 5.07 12.40
C SER B 176 18.40 6.31 11.53
N THR B 177 17.86 7.42 12.01
CA THR B 177 17.59 8.58 11.19
C THR B 177 17.69 9.84 12.02
N ARG B 178 17.90 10.97 11.34
CA ARG B 178 17.82 12.28 11.97
C ARG B 178 16.43 12.90 11.87
N ILE B 179 15.56 12.33 11.04
CA ILE B 179 14.20 12.83 10.88
C ILE B 179 13.40 12.50 12.14
N ARG B 180 12.55 13.45 12.56
CA ARG B 180 11.72 13.26 13.74
C ARG B 180 10.61 12.25 13.46
N ILE B 181 10.59 11.18 14.22
CA ILE B 181 9.55 10.16 14.11
C ILE B 181 8.41 10.51 15.04
N THR B 182 7.19 10.12 14.66
CA THR B 182 6.01 10.36 15.48
C THR B 182 5.23 9.07 15.69
N ASP B 183 4.27 9.15 16.60
CA ASP B 183 3.38 8.03 16.88
C ASP B 183 2.51 7.67 15.68
N ASN B 184 2.44 8.50 14.66
CA ASN B 184 1.67 8.20 13.46
C ASN B 184 2.48 7.46 12.41
N MET B 185 3.63 6.94 12.79
CA MET B 185 4.52 6.20 11.91
C MET B 185 5.01 4.95 12.64
N PHE B 186 5.34 3.93 11.86
CA PHE B 186 6.15 2.82 12.36
C PHE B 186 7.20 2.48 11.31
N CYS B 187 8.20 1.70 11.70
CA CYS B 187 9.21 1.30 10.72
C CYS B 187 9.33 -0.22 10.66
N ALA B 188 9.86 -0.70 9.54
CA ALA B 188 9.96 -2.11 9.28
C ALA B 188 11.16 -2.39 8.38
N GLY B 189 11.69 -3.59 8.51
CA GLY B 189 12.86 -4.01 7.77
C GLY B 189 13.77 -4.86 8.62
N TYR B 190 14.69 -5.55 7.98
CA TYR B 190 15.65 -6.38 8.69
C TYR B 190 16.83 -5.54 9.17
N LYS B 191 17.41 -5.97 10.27
CA LYS B 191 18.60 -5.35 10.81
C LYS B 191 19.82 -5.88 10.05
N PRO B 192 20.93 -5.14 10.05
CA PRO B 192 22.11 -5.62 9.31
C PRO B 192 22.55 -7.03 9.71
N ASP B 193 22.46 -7.36 11.00
CA ASP B 193 22.91 -8.67 11.47
C ASP B 193 21.97 -9.80 11.07
N GLU B 194 20.73 -9.49 10.66
CA GLU B 194 19.74 -10.53 10.42
C GLU B 194 19.89 -11.20 9.06
N GLY B 195 20.79 -10.74 8.20
CA GLY B 195 21.01 -11.43 6.95
C GLY B 195 20.02 -11.10 5.84
N LYS B 196 18.75 -11.48 6.02
CA LYS B 196 17.74 -11.18 5.03
C LYS B 196 17.65 -9.68 4.80
N ARG B 197 17.10 -9.29 3.66
CA ARG B 197 16.95 -7.87 3.39
C ARG B 197 15.65 -7.64 2.63
N GLY B 198 15.46 -6.43 2.14
CA GLY B 198 14.20 -6.06 1.51
C GLY B 198 13.70 -4.72 1.98
N ASP B 199 12.98 -4.02 1.11
CA ASP B 199 12.46 -2.71 1.43
C ASP B 199 11.44 -2.32 0.37
N SER B 200 10.57 -1.38 0.73
CA SER B 200 9.87 -0.63 -0.29
C SER B 200 10.78 0.46 -0.84
N CYS B 201 10.33 1.12 -1.91
CA CYS B 201 11.15 2.11 -2.58
C CYS B 201 10.25 3.13 -3.29
N GLU B 202 10.87 4.12 -3.92
CA GLU B 202 10.14 5.05 -4.74
C GLU B 202 9.26 4.31 -5.74
N GLY B 203 8.04 4.81 -5.92
CA GLY B 203 7.03 4.16 -6.73
C GLY B 203 6.12 3.23 -5.97
N ASP B 204 6.58 2.71 -4.82
CA ASP B 204 5.73 1.93 -3.93
C ASP B 204 4.92 2.80 -2.99
N SER B 205 5.26 4.09 -2.89
CA SER B 205 4.54 5.07 -2.09
C SER B 205 3.05 4.86 -2.17
N GLY B 206 2.40 4.93 -1.02
CA GLY B 206 0.97 4.87 -0.98
C GLY B 206 0.40 3.47 -0.94
N GLY B 207 1.21 2.47 -1.22
CA GLY B 207 0.74 1.10 -1.18
C GLY B 207 0.63 0.58 0.24
N PRO B 208 0.03 -0.60 0.37
CA PRO B 208 -0.32 -1.11 1.69
C PRO B 208 0.76 -1.99 2.32
N PHE B 209 0.90 -1.86 3.65
CA PHE B 209 1.63 -2.80 4.50
C PHE B 209 0.54 -3.58 5.22
N VAL B 210 0.45 -4.87 4.92
CA VAL B 210 -0.65 -5.71 5.40
C VAL B 210 -0.15 -6.82 6.30
N MET B 211 -1.04 -7.28 7.19
CA MET B 211 -0.78 -8.38 8.10
C MET B 211 -1.99 -9.30 8.08
N LYS B 212 -1.77 -10.62 8.17
CA LYS B 212 -2.87 -11.56 8.19
C LYS B 212 -3.16 -11.94 9.64
N SER B 213 -4.32 -11.58 10.13
CA SER B 213 -4.64 -11.87 11.51
C SER B 213 -4.69 -13.38 11.72
N PRO B 214 -3.99 -13.90 12.74
CA PRO B 214 -4.09 -15.33 13.04
C PRO B 214 -5.36 -15.67 13.81
N PHE B 215 -6.13 -14.66 14.22
CA PHE B 215 -7.36 -14.87 14.98
C PHE B 215 -8.53 -15.14 14.06
N ASN B 216 -8.64 -14.41 12.94
CA ASN B 216 -9.77 -14.56 12.06
C ASN B 216 -9.39 -14.79 10.60
N ASN B 217 -8.09 -14.93 10.30
CA ASN B 217 -7.60 -15.26 8.98
C ASN B 217 -7.93 -14.21 7.92
N ARG B 218 -8.10 -12.96 8.32
CA ARG B 218 -8.33 -11.85 7.40
C ARG B 218 -7.10 -10.96 7.31
N TRP B 219 -6.91 -10.38 6.15
CA TRP B 219 -5.85 -9.40 5.92
C TRP B 219 -6.28 -8.00 6.32
N TYR B 220 -5.41 -7.34 7.08
CA TYR B 220 -5.59 -5.99 7.58
C TYR B 220 -4.48 -5.09 7.08
N GLN B 221 -4.85 -3.89 6.69
CA GLN B 221 -3.87 -2.88 6.30
C GLN B 221 -3.43 -2.09 7.52
N MET B 222 -2.20 -2.33 7.98
CA MET B 222 -1.67 -1.65 9.13
C MET B 222 -0.91 -0.39 8.76
N GLY B 223 -0.33 -0.33 7.57
CA GLY B 223 0.51 0.78 7.21
C GLY B 223 0.33 1.19 5.77
N ILE B 224 0.87 2.38 5.45
CA ILE B 224 0.95 2.91 4.09
C ILE B 224 2.42 3.23 3.85
N VAL B 225 2.95 2.80 2.70
CA VAL B 225 4.34 3.16 2.35
C VAL B 225 4.48 4.66 2.32
N SER B 226 5.36 5.20 3.16
CA SER B 226 5.49 6.64 3.34
C SER B 226 6.87 7.19 2.98
N TRP B 227 7.93 6.79 3.66
CA TRP B 227 9.22 7.43 3.45
C TRP B 227 10.36 6.52 3.87
N GLY B 228 11.55 6.90 3.45
CA GLY B 228 12.78 6.22 3.82
C GLY B 228 13.93 6.96 3.20
N GLU B 229 15.12 6.61 3.60
CA GLU B 229 16.32 7.28 3.14
C GLU B 229 17.09 6.26 2.31
N GLY B 230 17.05 6.42 1.00
CA GLY B 230 17.53 5.38 0.12
C GLY B 230 16.53 4.24 0.08
N CYS B 231 16.97 3.10 -0.42
CA CYS B 231 16.18 1.88 -0.40
C CYS B 231 17.08 0.70 -0.08
N ASP B 232 16.64 -0.11 0.89
CA ASP B 232 17.34 -1.32 1.31
C ASP B 232 18.77 -1.07 1.78
N ARG B 233 19.05 0.09 2.37
CA ARG B 233 20.37 0.33 2.93
C ARG B 233 20.52 -0.35 4.29
N ASP B 234 21.71 -0.87 4.56
CA ASP B 234 21.99 -1.41 5.89
C ASP B 234 21.82 -0.32 6.95
N GLY B 235 21.10 -0.65 8.02
CA GLY B 235 20.92 0.28 9.11
C GLY B 235 19.83 1.30 8.90
N LYS B 236 19.18 1.29 7.75
CA LYS B 236 18.03 2.14 7.47
C LYS B 236 16.79 1.25 7.42
N TYR B 237 15.62 1.87 7.64
CA TYR B 237 14.36 1.15 7.68
C TYR B 237 13.33 1.94 6.89
N GLY B 238 12.31 1.23 6.40
CA GLY B 238 11.20 1.91 5.77
C GLY B 238 10.20 2.39 6.80
N PHE B 239 9.63 3.57 6.55
CA PHE B 239 8.63 4.17 7.42
C PHE B 239 7.26 4.14 6.78
N TYR B 240 6.26 3.81 7.59
CA TYR B 240 4.91 3.53 7.15
C TYR B 240 3.95 4.37 7.99
N THR B 241 2.94 4.94 7.35
CA THR B 241 1.88 5.62 8.09
C THR B 241 1.12 4.60 8.92
N HIS B 242 0.85 4.94 10.18
CA HIS B 242 0.17 4.06 11.13
C HIS B 242 -1.33 4.24 10.93
N VAL B 243 -1.93 3.32 10.18
CA VAL B 243 -3.32 3.47 9.75
C VAL B 243 -4.26 3.53 10.95
N PHE B 244 -4.11 2.62 11.91
CA PHE B 244 -5.02 2.64 13.05
C PHE B 244 -5.00 4.00 13.76
N ARG B 245 -3.83 4.59 13.96
CA ARG B 245 -3.75 5.88 14.66
C ARG B 245 -4.55 6.97 13.96
N LEU B 246 -4.74 6.84 12.64
CA LEU B 246 -5.45 7.84 11.85
C LEU B 246 -6.85 7.39 11.46
N LYS B 247 -7.34 6.30 12.06
CA LYS B 247 -8.60 5.73 11.61
C LYS B 247 -9.79 6.62 11.94
N LYS B 248 -9.72 7.41 13.01
CA LYS B 248 -10.84 8.29 13.30
C LYS B 248 -11.06 9.28 12.17
N TRP B 249 -9.97 9.76 11.55
CA TRP B 249 -10.12 10.65 10.41
C TRP B 249 -10.69 9.90 9.21
N ILE B 250 -10.22 8.68 8.96
CA ILE B 250 -10.77 7.88 7.85
C ILE B 250 -12.27 7.74 8.02
N GLN B 251 -12.70 7.36 9.22
CA GLN B 251 -14.12 7.12 9.47
C GLN B 251 -14.92 8.41 9.34
N LYS B 252 -14.37 9.54 9.79
CA LYS B 252 -15.09 10.81 9.67
C LYS B 252 -15.32 11.16 8.20
N VAL B 253 -14.29 10.97 7.36
CA VAL B 253 -14.43 11.29 5.94
C VAL B 253 -15.48 10.40 5.29
N ILE B 254 -15.38 9.09 5.52
CA ILE B 254 -16.29 8.17 4.85
C ILE B 254 -17.72 8.39 5.35
N ASP B 255 -17.89 8.66 6.64
CA ASP B 255 -19.22 8.90 7.19
C ASP B 255 -19.82 10.19 6.64
N GLN B 256 -19.00 11.23 6.46
CA GLN B 256 -19.51 12.53 6.06
C GLN B 256 -19.74 12.61 4.55
N PHE B 257 -18.89 11.95 3.77
CA PHE B 257 -18.90 12.08 2.32
C PHE B 257 -19.25 10.81 1.58
N GLY B 258 -19.48 9.71 2.28
CA GLY B 258 -19.87 8.46 1.64
C GLY B 258 -21.35 8.19 1.81
N ASP C 2 6.43 3.91 -21.51
CA ASP C 2 6.69 2.48 -21.48
C ASP C 2 5.42 1.69 -21.16
N PHE C 3 4.31 2.41 -20.97
CA PHE C 3 3.03 1.81 -20.65
C PHE C 3 2.19 1.61 -21.90
N GLU C 4 1.50 0.48 -21.96
CA GLU C 4 0.53 0.26 -23.03
C GLU C 4 -0.59 1.28 -22.91
N GLU C 5 -1.01 1.83 -24.05
CA GLU C 5 -2.08 2.82 -24.04
C GLU C 5 -3.35 2.21 -23.46
N ILE C 6 -4.05 2.98 -22.64
CA ILE C 6 -5.32 2.50 -22.09
C ILE C 6 -6.45 2.93 -23.00
N PRO C 7 -7.60 2.28 -22.91
CA PRO C 7 -8.73 2.65 -23.78
C PRO C 7 -9.10 4.13 -23.64
N GLU C 8 -9.44 4.74 -24.77
CA GLU C 8 -9.71 6.17 -24.82
C GLU C 8 -10.89 6.56 -23.94
N GLU C 9 -11.82 5.65 -23.69
CA GLU C 9 -13.01 5.93 -22.88
C GLU C 9 -12.66 6.39 -21.46
N TYS C 10 -11.49 6.00 -20.96
CA TYS C 10 -11.13 6.37 -19.59
CB TYS C 10 -10.17 5.34 -19.00
CG TYS C 10 -10.80 3.98 -18.98
CD1 TYS C 10 -11.91 3.72 -18.18
CD2 TYS C 10 -10.27 2.97 -19.78
CE1 TYS C 10 -12.48 2.44 -18.18
CE2 TYS C 10 -10.83 1.70 -19.78
CZ TYS C 10 -11.94 1.43 -18.98
OH TYS C 10 -12.49 0.18 -18.98
S TYS C 10 -12.04 -0.88 -17.93
O1 TYS C 10 -12.76 -2.08 -18.35
O2 TYS C 10 -10.62 -1.10 -17.91
O3 TYS C 10 -12.56 -0.39 -16.49
C TYS C 10 -10.48 7.72 -19.56
O TYS C 10 -10.19 8.24 -18.46
H TYS C 10 -10.93 5.54 -21.41
HA TYS C 10 -11.93 6.39 -19.05
HB2 TYS C 10 -9.94 5.60 -18.10
HB3 TYS C 10 -9.36 5.32 -19.53
HD1 TYS C 10 -12.28 4.38 -17.66
HD2 TYS C 10 -9.53 3.14 -20.30
HE1 TYS C 10 -13.22 2.26 -17.66
HE2 TYS C 10 -10.48 1.02 -20.30
HO3 TYS C 10 -12.39 -0.87 -15.79
N LEU C 11 -10.25 8.31 -20.73
CA LEU C 11 -9.56 9.60 -20.79
C LEU C 11 -10.51 10.71 -21.21
N GLN C 12 -11.72 10.33 -21.61
CA GLN C 12 -12.72 11.31 -22.08
C GLN C 12 -13.28 12.08 -20.89
C1 GOL D . 8.04 7.55 20.23
O1 GOL D . 8.42 6.31 19.71
C2 GOL D . 7.84 8.50 19.05
O2 GOL D . 6.79 8.04 18.25
C3 GOL D . 7.74 9.98 19.41
O3 GOL D . 6.53 10.25 20.10
C1 GOL E . 3.14 4.35 18.16
O1 GOL E . 1.81 4.75 17.84
C2 GOL E . 3.19 3.71 19.55
O2 GOL E . 2.01 2.97 19.80
C3 GOL E . 3.32 4.80 20.61
O3 GOL E . 4.62 5.34 20.60
C1 GOL F . 0.23 21.02 12.82
O1 GOL F . -0.16 19.77 13.35
C2 GOL F . -0.18 21.09 11.34
O2 GOL F . -1.58 20.97 11.24
C3 GOL F . 0.50 19.98 10.52
O3 GOL F . 1.89 20.09 10.66
S DMS G . 5.31 -0.52 16.52
O DMS G . 5.99 0.77 16.23
C1 DMS G . 6.56 -1.50 17.40
C2 DMS G . 4.14 -0.20 17.87
S DMS H . -8.10 -10.63 19.04
O DMS H . -7.40 -9.61 18.20
C1 DMS H . -6.94 -11.15 20.32
C2 DMS H . -9.31 -9.73 20.03
P PO4 I . 3.19 18.05 13.63
O1 PO4 I . 2.14 18.35 12.55
O2 PO4 I . 4.13 19.20 13.82
O3 PO4 I . 3.98 16.88 13.03
O4 PO4 I . 2.48 17.62 14.88
C1 GOL J . 20.94 13.23 6.53
O1 GOL J . 21.32 12.10 7.28
C2 GOL J . 20.37 14.28 7.47
O2 GOL J . 19.00 14.04 7.73
C3 GOL J . 20.59 15.69 6.97
O3 GOL J . 20.11 16.61 7.92
NA NA K . 17.72 -1.66 5.72
NA NA L . 17.65 9.75 15.56
C1 GOL M . 6.01 8.55 -5.73
O1 GOL M . 5.69 7.35 -6.41
C2 GOL M . 7.47 8.47 -5.28
O2 GOL M . 7.57 7.28 -4.53
C3 GOL M . 7.83 9.67 -4.42
O3 GOL M . 9.22 9.62 -4.08
N13 32U N . 13.91 10.39 1.25
C5 32U N . 12.86 11.28 1.77
C14 32U N . 11.50 10.65 1.44
O32 32U N . 11.31 9.47 1.69
C33 32U N . 13.06 11.52 3.27
C6 32U N . 12.05 12.49 3.86
C8 32U N . 11.08 12.04 4.72
C12 32U N . 12.09 13.84 3.53
C9 32U N . 10.13 12.91 5.22
C11 32U N . 11.14 14.71 4.03
C10 32U N . 10.15 14.25 4.88
N1 32U N . 10.55 11.41 0.87
C1 32U N . 9.26 10.80 0.53
C7 32U N . 9.49 9.64 -0.44
O22 32U N . 10.30 9.74 -1.36
C2 32U N . 8.48 11.93 -0.14
C3 32U N . 9.15 13.20 0.34
C4 32U N . 10.60 12.83 0.50
N23 32U N . 8.71 8.57 -0.25
C24 32U N . 8.83 7.40 -1.10
C25 32U N . 9.60 6.29 -0.43
C26 32U N . 8.99 5.11 -0.08
C27 32U N . 9.69 4.10 0.57
C28 32U N . 11.03 4.26 0.86
C21 32U N . 11.77 3.18 1.53
N46 32U N . 11.09 2.34 2.32
N47 32U N . 13.05 3.02 1.41
C29 32U N . 11.66 5.44 0.49
C30 32U N . 10.95 6.44 -0.14
#